data_7SDK
#
_entry.id   7SDK
#
_cell.length_a   105.861
_cell.length_b   105.861
_cell.length_c   92.448
_cell.angle_alpha   90.000
_cell.angle_beta   90.000
_cell.angle_gamma   120.000
#
_symmetry.space_group_name_H-M   'H 3'
#
loop_
_entity.id
_entity.type
_entity.pdbx_description
1 polymer "DNA (5'-D(*GP*AP*GP*CP*AP*GP*CP*CP*TP*GP*TP*(5CM)P*TP*GP*GP*AP*CP*AP*TP*CP*A)-3')"
2 polymer "DNA (5'-D(P*CP*CP*AP*(IMC)P*AP*CP*A)-3')"
3 polymer "DNA (5'-D(P*GP*GP*CP*TP*GP*CP*T)-3')"
4 polymer "DNA (5'-D(P*CP*TP*GP*AP*TP*GP*T)-3')"
5 non-polymer 'SILVER ION'
#
loop_
_entity_poly.entity_id
_entity_poly.type
_entity_poly.pdbx_seq_one_letter_code
_entity_poly.pdbx_strand_id
1 'polydeoxyribonucleotide'
;(DG)(DA)(DG)(DC)(DA)(DG)(DC)(DC)(DT)(DG)(DT)(5CM)(DT)(DG)(DG)(DA)(DC)(DA)(DT)
(DC)(DA)
;
A
2 'polydeoxyribonucleotide' (DC)(DC)(DA)(IMC)(DA)(DC)(DA) B
3 'polydeoxyribonucleotide' (DG)(DG)(DC)(DT)(DG)(DC)(DT) C
4 'polydeoxyribonucleotide' (DC)(DT)(DG)(DA)(DT)(DG)(DT) D
#